data_5M4N
#
_entry.id   5M4N
#
_cell.length_a   108.249
_cell.length_b   108.249
_cell.length_c   85.221
_cell.angle_alpha   90.00
_cell.angle_beta   90.00
_cell.angle_gamma   120.00
#
_symmetry.space_group_name_H-M   'P 64'
#
loop_
_entity.id
_entity.type
_entity.pdbx_description
1 polymer '[Pyruvate dehydrogenase (acetyl-transferring)] kinase isozyme 2, mitochondrial'
2 non-polymer [2,4-bis(oxidanyl)phenyl]-[(2~{S})-2-methyl-6-(3-methylquinolin-2-yl)-3,4-dihydro-2~{H}-quinolin-1-yl]methanone
3 non-polymer 'N-(2-AMINOETHYL)-2-{3-CHLORO-4-[(4-ISOPROPYLBENZYL)OXY]PHENYL} ACETAMIDE'
4 non-polymer 'CHLORIDE ION'
5 water water
#
_entity_poly.entity_id   1
_entity_poly.type   'polypeptide(L)'
_entity_poly.pdbx_seq_one_letter_code
;MRWVWALLKNASLAGSAPKYIEHFSKFSPSPLSMKQFLDFGSSNACEKTSFTFLRQELPVRLANIMKEINLLPDRVLSTP
SVQLVQSWYVQSLLDIMEFLDKDPEDHRTLSQFTDALVTIRNRHNDVVPTMAQGVLEYKDTYGDDPVSNQNIQYFLDRFY
LSRISIRMLINQHTLIFDGSTNPAHPKHIGSIDPNCNVSEVVKDAYDMAKLLCDKYYMASPDLEIQEINAANSKQPIHMV
YVPSHLYHMLFELFKNAMRATVESHESSLILPPIKVMVALGEEDLSIKMSDRGGGVPLRKIERLFSYMYSTAPTPQPGTG
GTPLAGFGYGLPISRLYAKYFQGDLQLFSMEGFGTDAVIYLKALSTDSVERLPVYNKSAWRHYQTIQEAGDWCVPSTEPK
NTSTYRVS
;
_entity_poly.pdbx_strand_id   A
#
# COMPACT_ATOMS: atom_id res chain seq x y z
N GLY A 15 20.12 21.09 18.14
CA GLY A 15 19.16 20.86 17.03
C GLY A 15 17.72 21.28 17.30
N SER A 16 16.98 21.44 16.20
CA SER A 16 15.61 21.91 16.24
C SER A 16 14.56 20.79 16.15
N ALA A 17 14.89 19.58 15.70
CA ALA A 17 13.85 18.60 15.35
C ALA A 17 12.60 18.61 16.23
N PRO A 18 12.71 18.40 17.56
CA PRO A 18 11.43 18.28 18.33
C PRO A 18 10.51 19.51 18.29
N LYS A 19 11.09 20.68 17.99
CA LYS A 19 10.35 21.93 17.86
C LYS A 19 9.56 21.92 16.57
N TYR A 20 10.26 21.69 15.45
CA TYR A 20 9.63 21.46 14.15
C TYR A 20 8.51 20.42 14.22
N ILE A 21 8.83 19.28 14.80
CA ILE A 21 7.85 18.23 14.95
C ILE A 21 6.63 18.84 15.67
N GLU A 22 6.84 19.47 16.82
CA GLU A 22 5.75 20.17 17.52
C GLU A 22 4.98 21.19 16.65
N HIS A 23 5.69 21.97 15.85
CA HIS A 23 5.04 23.01 15.06
C HIS A 23 4.05 22.36 14.13
N PHE A 24 4.61 21.49 13.27
CA PHE A 24 3.91 20.91 12.12
C PHE A 24 2.89 19.83 12.46
N SER A 25 3.07 19.22 13.64
CA SER A 25 2.08 18.32 14.22
C SER A 25 0.81 19.01 14.76
N LYS A 26 0.67 20.32 14.56
CA LYS A 26 -0.58 21.02 14.92
C LYS A 26 -1.51 21.15 13.71
N PHE A 27 -0.94 20.98 12.51
CA PHE A 27 -1.67 20.90 11.27
C PHE A 27 -2.21 19.48 11.06
N SER A 28 -3.30 19.35 10.31
CA SER A 28 -3.84 18.03 9.97
C SER A 28 -3.41 17.74 8.57
N PRO A 29 -2.89 16.53 8.29
CA PRO A 29 -2.56 16.26 6.88
C PRO A 29 -3.81 16.45 6.03
N SER A 30 -3.62 16.66 4.72
CA SER A 30 -4.73 16.98 3.80
C SER A 30 -5.01 15.92 2.75
N PRO A 31 -6.06 15.12 2.94
CA PRO A 31 -6.37 14.10 1.96
C PRO A 31 -6.71 14.69 0.58
N LEU A 32 -6.14 14.13 -0.46
CA LEU A 32 -6.51 14.47 -1.85
C LEU A 32 -7.27 13.32 -2.47
N SER A 33 -7.90 13.62 -3.60
CA SER A 33 -8.68 12.65 -4.37
C SER A 33 -7.94 12.33 -5.65
N MET A 34 -8.32 11.24 -6.35
CA MET A 34 -7.76 10.95 -7.68
C MET A 34 -7.96 12.14 -8.60
N LYS A 35 -9.19 12.66 -8.67
CA LYS A 35 -9.46 13.86 -9.50
C LYS A 35 -8.40 14.96 -9.24
N GLN A 36 -8.31 15.45 -8.00
CA GLN A 36 -7.31 16.46 -7.61
C GLN A 36 -5.87 16.04 -7.96
N PHE A 37 -5.63 14.73 -7.93
CA PHE A 37 -4.34 14.16 -8.30
C PHE A 37 -4.08 14.24 -9.80
N LEU A 38 -5.10 13.95 -10.61
CA LEU A 38 -5.01 14.15 -12.05
C LEU A 38 -4.76 15.61 -12.43
N ASP A 39 -5.68 16.47 -12.01
CA ASP A 39 -5.68 17.87 -12.43
C ASP A 39 -4.32 18.58 -12.12
N PHE A 40 -3.59 18.13 -11.08
CA PHE A 40 -2.17 18.56 -10.85
C PHE A 40 -1.24 18.40 -12.09
N GLY A 41 -1.47 17.36 -12.89
CA GLY A 41 -0.64 17.06 -14.08
C GLY A 41 -1.42 17.02 -15.37
N ALA A 45 3.77 22.04 -16.06
CA ALA A 45 4.14 23.42 -15.71
C ALA A 45 3.61 23.92 -14.35
N CYS A 46 2.70 23.15 -13.70
CA CYS A 46 2.19 23.50 -12.35
C CYS A 46 3.22 23.14 -11.27
N GLU A 47 4.48 23.09 -11.66
CA GLU A 47 5.56 22.67 -10.78
C GLU A 47 5.79 23.66 -9.65
N LYS A 48 5.73 24.97 -9.92
CA LYS A 48 5.72 25.93 -8.80
C LYS A 48 4.62 25.49 -7.81
N THR A 49 3.36 25.34 -8.27
CA THR A 49 2.20 25.03 -7.39
C THR A 49 2.32 23.68 -6.67
N SER A 50 2.90 22.69 -7.31
CA SER A 50 3.12 21.38 -6.66
C SER A 50 4.08 21.54 -5.49
N PHE A 51 5.16 22.26 -5.77
CA PHE A 51 6.22 22.54 -4.80
C PHE A 51 5.74 23.29 -3.56
N THR A 52 5.17 24.46 -3.75
CA THR A 52 4.63 25.26 -2.64
C THR A 52 3.66 24.45 -1.80
N PHE A 53 2.92 23.52 -2.43
CA PHE A 53 2.05 22.59 -1.71
C PHE A 53 2.90 21.57 -0.98
N LEU A 54 3.77 20.90 -1.71
CA LEU A 54 4.52 19.80 -1.10
C LEU A 54 5.39 20.23 0.07
N ARG A 55 5.91 21.45 0.04
CA ARG A 55 6.81 21.90 1.12
C ARG A 55 6.12 22.15 2.49
N GLN A 56 4.82 22.48 2.50
CA GLN A 56 4.06 22.52 3.75
C GLN A 56 3.67 21.10 4.12
N GLU A 57 3.05 20.40 3.17
CA GLU A 57 2.34 19.14 3.41
C GLU A 57 3.21 17.95 3.80
N LEU A 58 4.36 17.77 3.16
CA LEU A 58 5.27 16.69 3.57
C LEU A 58 5.75 16.83 5.03
N PRO A 59 6.11 18.05 5.45
CA PRO A 59 6.39 18.23 6.85
C PRO A 59 5.23 17.93 7.78
N VAL A 60 4.02 18.31 7.37
CA VAL A 60 2.79 18.03 8.13
C VAL A 60 2.69 16.54 8.40
N ARG A 61 2.84 15.78 7.33
CA ARG A 61 2.63 14.34 7.33
C ARG A 61 3.75 13.65 8.03
N LEU A 62 4.98 14.09 7.76
CA LEU A 62 6.14 13.62 8.54
C LEU A 62 6.01 13.94 10.04
N ALA A 63 5.73 15.20 10.39
CA ALA A 63 5.49 15.59 11.79
C ALA A 63 4.52 14.66 12.48
N ASN A 64 3.35 14.52 11.87
CA ASN A 64 2.28 13.75 12.49
C ASN A 64 2.62 12.29 12.84
N ILE A 65 3.22 11.57 11.89
CA ILE A 65 3.60 10.19 12.18
C ILE A 65 4.74 10.15 13.18
N MET A 66 5.68 11.08 13.05
CA MET A 66 6.81 11.16 13.98
C MET A 66 6.40 11.40 15.45
N LYS A 67 5.43 12.29 15.60
CA LYS A 67 4.77 12.52 16.87
C LYS A 67 4.21 11.21 17.44
N GLU A 68 3.61 10.37 16.58
CA GLU A 68 2.99 9.09 17.02
C GLU A 68 4.01 7.97 17.31
N ILE A 69 5.12 7.96 16.57
CA ILE A 69 6.24 7.07 16.90
C ILE A 69 6.64 7.33 18.35
N ASN A 70 6.78 8.62 18.70
CA ASN A 70 7.17 9.07 20.06
C ASN A 70 6.23 8.75 21.23
N LEU A 71 4.98 8.44 20.94
CA LEU A 71 4.03 7.96 21.97
C LEU A 71 4.25 6.49 22.32
N LEU A 72 5.16 5.83 21.62
CA LEU A 72 5.40 4.44 21.90
C LEU A 72 6.22 4.33 23.20
N PRO A 73 5.93 3.29 24.00
CA PRO A 73 6.63 3.00 25.28
C PRO A 73 8.16 2.92 25.16
N ASP A 74 8.91 3.37 26.17
CA ASP A 74 10.38 3.45 26.03
C ASP A 74 10.96 2.05 25.71
N ARG A 75 10.33 0.98 26.23
CA ARG A 75 10.64 -0.39 25.77
C ARG A 75 10.56 -0.76 24.23
N VAL A 76 9.78 -0.03 23.46
CA VAL A 76 9.75 -0.14 22.01
C VAL A 76 10.61 0.98 21.45
N LEU A 77 10.26 2.19 21.85
CA LEU A 77 10.91 3.41 21.40
C LEU A 77 12.45 3.31 21.43
N SER A 78 13.02 2.62 22.41
CA SER A 78 14.47 2.58 22.51
C SER A 78 15.16 1.47 21.72
N THR A 79 14.42 0.66 20.97
CA THR A 79 15.03 -0.46 20.26
C THR A 79 15.63 0.08 18.98
N PRO A 80 16.74 -0.54 18.48
CA PRO A 80 17.53 -0.06 17.34
C PRO A 80 16.75 0.22 16.07
N SER A 81 15.86 -0.71 15.68
CA SER A 81 14.95 -0.57 14.53
C SER A 81 14.21 0.73 14.54
N VAL A 82 13.43 0.94 15.59
CA VAL A 82 12.62 2.14 15.73
C VAL A 82 13.49 3.38 15.69
N GLN A 83 14.57 3.37 16.47
CA GLN A 83 15.46 4.53 16.54
C GLN A 83 16.08 4.81 15.18
N LEU A 84 16.39 3.77 14.42
CA LEU A 84 16.97 3.97 13.09
C LEU A 84 15.97 4.69 12.19
N VAL A 85 14.76 4.14 12.06
CA VAL A 85 13.78 4.72 11.12
C VAL A 85 13.40 6.09 11.61
N GLN A 86 13.50 6.33 12.91
CA GLN A 86 13.25 7.65 13.40
C GLN A 86 14.33 8.62 12.92
N SER A 87 15.58 8.17 12.87
CA SER A 87 16.62 9.00 12.34
C SER A 87 16.32 9.39 10.87
N TRP A 88 15.81 8.44 10.08
CA TRP A 88 15.47 8.77 8.66
C TRP A 88 14.38 9.85 8.56
N TYR A 89 13.38 9.74 9.40
CA TYR A 89 12.32 10.72 9.31
C TYR A 89 12.86 12.13 9.72
N VAL A 90 13.77 12.19 10.71
CA VAL A 90 14.32 13.50 11.12
C VAL A 90 15.09 14.15 9.99
N GLN A 91 15.90 13.37 9.27
CA GLN A 91 16.69 13.90 8.17
C GLN A 91 15.81 14.39 7.03
N SER A 92 14.76 13.63 6.77
CA SER A 92 13.88 13.92 5.66
C SER A 92 13.11 15.20 5.93
N LEU A 93 12.66 15.38 7.17
CA LEU A 93 11.98 16.59 7.60
C LEU A 93 12.89 17.83 7.36
N LEU A 94 14.04 17.83 8.01
CA LEU A 94 15.09 18.84 7.84
C LEU A 94 15.47 19.09 6.39
N ASP A 95 15.82 18.02 5.67
CA ASP A 95 16.02 18.07 4.21
C ASP A 95 15.02 18.96 3.48
N ILE A 96 13.75 18.85 3.87
CA ILE A 96 12.66 19.66 3.28
C ILE A 96 12.52 21.04 3.93
N MET A 97 12.80 21.15 5.22
CA MET A 97 12.91 22.45 5.90
C MET A 97 13.74 23.47 5.09
N GLU A 98 14.90 23.05 4.58
CA GLU A 98 15.77 23.92 3.80
C GLU A 98 14.96 24.81 2.85
N PHE A 99 13.89 24.24 2.29
CA PHE A 99 13.15 24.84 1.21
C PHE A 99 11.97 25.75 1.63
N LEU A 100 11.79 25.99 2.93
CA LEU A 100 10.61 26.72 3.41
C LEU A 100 10.65 28.17 2.98
N ASP A 101 11.83 28.75 2.91
CA ASP A 101 11.95 30.17 2.57
C ASP A 101 12.63 30.39 1.23
N LYS A 102 12.59 29.40 0.34
CA LYS A 102 13.25 29.55 -0.96
C LYS A 102 12.30 30.15 -1.96
N ASP A 103 12.71 30.18 -3.22
CA ASP A 103 11.97 30.91 -4.21
C ASP A 103 11.35 30.10 -5.35
N PRO A 104 10.02 29.93 -5.30
CA PRO A 104 9.29 29.19 -6.36
C PRO A 104 9.52 29.68 -7.81
N GLU A 105 9.85 30.96 -7.99
CA GLU A 105 10.10 31.51 -9.31
C GLU A 105 11.51 31.18 -9.81
N ASP A 106 12.42 30.72 -8.93
CA ASP A 106 13.79 30.35 -9.32
C ASP A 106 13.82 28.88 -9.80
N HIS A 107 13.83 28.69 -11.12
CA HIS A 107 13.68 27.36 -11.73
C HIS A 107 14.74 26.33 -11.32
N ARG A 108 15.78 26.76 -10.58
CA ARG A 108 16.80 25.87 -9.98
C ARG A 108 16.50 25.50 -8.52
N THR A 109 15.72 26.33 -7.81
CA THR A 109 15.10 25.93 -6.54
C THR A 109 14.21 24.72 -6.79
N LEU A 110 13.38 24.80 -7.83
CA LEU A 110 12.52 23.70 -8.25
C LEU A 110 13.34 22.46 -8.62
N SER A 111 14.39 22.70 -9.40
CA SER A 111 15.27 21.65 -9.91
C SER A 111 15.90 20.81 -8.79
N GLN A 112 16.26 21.45 -7.67
CA GLN A 112 17.01 20.79 -6.60
C GLN A 112 16.12 20.22 -5.48
N PHE A 113 14.86 20.62 -5.49
CA PHE A 113 13.81 20.02 -4.68
C PHE A 113 13.42 18.62 -5.21
N THR A 114 13.24 18.50 -6.53
CA THR A 114 13.07 17.19 -7.16
C THR A 114 14.22 16.23 -6.81
N ASP A 115 15.47 16.70 -6.93
CA ASP A 115 16.64 15.93 -6.49
C ASP A 115 16.45 15.51 -5.02
N ALA A 116 16.03 16.47 -4.19
CA ALA A 116 15.87 16.25 -2.74
C ALA A 116 14.84 15.21 -2.42
N LEU A 117 13.73 15.21 -3.15
CA LEU A 117 12.68 14.20 -2.99
C LEU A 117 13.18 12.83 -3.35
N VAL A 118 14.02 12.76 -4.39
CA VAL A 118 14.56 11.46 -4.80
C VAL A 118 15.36 10.88 -3.64
N THR A 119 16.34 11.63 -3.16
CA THR A 119 17.18 11.17 -2.05
C THR A 119 16.37 10.72 -0.83
N ILE A 120 15.25 11.39 -0.57
CA ILE A 120 14.36 11.03 0.53
C ILE A 120 13.69 9.69 0.26
N ARG A 121 13.13 9.52 -0.93
CA ARG A 121 12.50 8.22 -1.31
C ARG A 121 13.49 7.05 -1.17
N ASN A 122 14.78 7.29 -1.47
CA ASN A 122 15.85 6.27 -1.33
C ASN A 122 16.35 6.05 0.11
N ARG A 123 16.31 7.09 0.94
CA ARG A 123 16.60 6.95 2.38
C ARG A 123 15.64 5.94 3.08
N HIS A 124 14.39 5.88 2.60
CA HIS A 124 13.31 5.09 3.22
C HIS A 124 12.95 3.73 2.57
N ASN A 125 13.64 3.31 1.51
CA ASN A 125 13.25 2.10 0.82
C ASN A 125 13.08 0.90 1.74
N ASP A 126 13.86 0.82 2.84
CA ASP A 126 13.84 -0.38 3.70
C ASP A 126 13.08 -0.30 5.01
N VAL A 127 12.07 0.58 5.14
CA VAL A 127 11.35 0.64 6.42
C VAL A 127 10.59 -0.66 6.68
N VAL A 128 10.10 -1.33 5.63
CA VAL A 128 9.24 -2.52 5.85
C VAL A 128 10.03 -3.59 6.61
N PRO A 129 11.18 -4.07 6.07
CA PRO A 129 11.96 -5.08 6.81
C PRO A 129 12.66 -4.54 8.07
N THR A 130 12.95 -3.23 8.10
CA THR A 130 13.48 -2.59 9.31
C THR A 130 12.48 -2.68 10.45
N MET A 131 11.23 -2.29 10.20
CA MET A 131 10.21 -2.35 11.24
C MET A 131 9.91 -3.77 11.63
N ALA A 132 9.89 -4.64 10.64
CA ALA A 132 9.75 -6.05 10.87
C ALA A 132 10.74 -6.53 11.93
N GLN A 133 11.96 -5.99 11.93
CA GLN A 133 12.91 -6.32 12.99
C GLN A 133 12.49 -5.94 14.40
N GLY A 134 11.85 -4.77 14.53
CA GLY A 134 11.32 -4.32 15.78
C GLY A 134 10.17 -5.21 16.25
N VAL A 135 9.39 -5.73 15.30
CA VAL A 135 8.31 -6.62 15.69
C VAL A 135 8.91 -7.87 16.27
N LEU A 136 9.88 -8.39 15.53
CA LEU A 136 10.58 -9.60 15.90
C LEU A 136 11.27 -9.48 17.26
N GLU A 137 11.89 -8.35 17.54
CA GLU A 137 12.61 -8.21 18.80
C GLU A 137 11.58 -8.09 19.92
N TYR A 138 10.62 -7.19 19.74
CA TYR A 138 9.56 -7.07 20.73
C TYR A 138 9.00 -8.43 21.04
N LYS A 139 8.71 -9.23 20.00
CA LYS A 139 8.05 -10.55 20.17
C LYS A 139 8.79 -11.50 21.14
N ASP A 140 10.11 -11.55 21.05
CA ASP A 140 10.93 -12.40 21.91
C ASP A 140 11.42 -11.66 23.15
N THR A 141 11.41 -10.36 23.08
CA THR A 141 11.77 -9.55 24.21
C THR A 141 10.61 -9.43 25.28
N TYR A 142 9.38 -9.17 24.87
CA TYR A 142 8.24 -9.05 25.82
C TYR A 142 7.09 -10.07 25.69
N GLY A 143 6.99 -10.79 24.58
CA GLY A 143 5.92 -11.78 24.34
C GLY A 143 5.01 -11.50 23.15
N ASP A 144 4.28 -12.54 22.72
CA ASP A 144 3.22 -12.45 21.68
C ASP A 144 1.77 -12.53 22.21
N ASP A 145 1.46 -11.78 23.26
CA ASP A 145 0.07 -11.72 23.80
C ASP A 145 -0.94 -10.93 22.89
N PRO A 146 -2.27 -11.17 23.04
CA PRO A 146 -3.25 -10.45 22.23
C PRO A 146 -3.15 -8.94 22.32
N VAL A 147 -2.87 -8.44 23.51
CA VAL A 147 -2.81 -6.97 23.71
C VAL A 147 -1.59 -6.31 23.01
N SER A 148 -0.43 -6.96 23.13
CA SER A 148 0.74 -6.53 22.39
C SER A 148 0.33 -6.45 20.92
N ASN A 149 -0.22 -7.57 20.43
CA ASN A 149 -0.63 -7.71 19.05
C ASN A 149 -1.63 -6.63 18.55
N GLN A 150 -2.61 -6.25 19.37
CA GLN A 150 -3.59 -5.27 18.91
C GLN A 150 -2.91 -3.90 18.75
N ASN A 151 -1.90 -3.64 19.57
CA ASN A 151 -1.14 -2.39 19.51
C ASN A 151 -0.16 -2.29 18.35
N ILE A 152 0.62 -3.35 18.15
CA ILE A 152 1.41 -3.52 16.95
C ILE A 152 0.49 -3.34 15.71
N GLN A 153 -0.64 -4.03 15.68
CA GLN A 153 -1.59 -3.88 14.58
C GLN A 153 -2.04 -2.41 14.39
N TYR A 154 -2.45 -1.80 15.49
CA TYR A 154 -2.97 -0.45 15.45
C TYR A 154 -1.91 0.55 14.89
N PHE A 155 -0.70 0.44 15.47
CA PHE A 155 0.42 1.28 15.12
C PHE A 155 0.89 1.12 13.69
N LEU A 156 1.06 -0.12 13.25
CA LEU A 156 1.62 -0.42 11.91
C LEU A 156 0.65 -0.19 10.75
N ASP A 157 -0.65 -0.44 10.93
CA ASP A 157 -1.59 -0.11 9.85
C ASP A 157 -1.45 1.40 9.60
N ARG A 158 -1.40 2.15 10.70
CA ARG A 158 -1.33 3.62 10.65
C ARG A 158 -0.02 4.11 10.01
N PHE A 159 1.09 3.52 10.42
CA PHE A 159 2.41 3.98 10.05
C PHE A 159 2.68 3.71 8.59
N TYR A 160 2.27 2.49 8.18
CA TYR A 160 2.49 2.04 6.81
C TYR A 160 1.53 2.74 5.91
N LEU A 161 0.30 2.94 6.39
CA LEU A 161 -0.60 3.74 5.56
C LEU A 161 0.00 5.20 5.36
N SER A 162 0.49 5.79 6.45
CA SER A 162 1.11 7.13 6.39
C SER A 162 2.16 7.12 5.34
N ARG A 163 3.06 6.11 5.42
CA ARG A 163 4.20 6.05 4.50
C ARG A 163 3.74 5.93 3.06
N ILE A 164 2.76 5.05 2.81
CA ILE A 164 2.24 4.82 1.47
C ILE A 164 1.87 6.17 0.84
N SER A 165 1.17 7.02 1.60
CA SER A 165 0.78 8.35 1.12
C SER A 165 1.93 9.34 0.82
N ILE A 166 3.03 9.21 1.56
CA ILE A 166 4.18 10.04 1.36
C ILE A 166 4.81 9.69 0.01
N ARG A 167 4.93 8.40 -0.25
CA ARG A 167 5.49 7.96 -1.52
C ARG A 167 4.57 8.34 -2.64
N MET A 168 3.26 8.22 -2.43
CA MET A 168 2.30 8.67 -3.43
C MET A 168 2.54 10.16 -3.80
N LEU A 169 2.65 11.03 -2.78
CA LEU A 169 2.99 12.41 -3.03
C LEU A 169 4.29 12.52 -3.84
N ILE A 170 5.34 11.91 -3.31
CA ILE A 170 6.66 12.03 -3.90
C ILE A 170 6.74 11.49 -5.33
N ASN A 171 6.19 10.30 -5.55
CA ASN A 171 6.14 9.72 -6.92
C ASN A 171 5.36 10.58 -7.90
N GLN A 172 4.23 11.13 -7.47
CA GLN A 172 3.51 12.05 -8.37
C GLN A 172 4.38 13.21 -8.81
N HIS A 173 5.18 13.79 -7.90
CA HIS A 173 6.05 14.91 -8.26
C HIS A 173 7.20 14.42 -9.18
N THR A 174 8.04 13.51 -8.70
CA THR A 174 9.24 13.20 -9.45
C THR A 174 8.92 12.66 -10.85
N LEU A 175 7.80 11.95 -11.01
CA LEU A 175 7.39 11.35 -12.31
C LEU A 175 6.85 12.38 -13.33
N ILE A 176 5.93 13.23 -12.88
CA ILE A 176 5.35 14.28 -13.73
C ILE A 176 6.41 15.32 -14.11
N PHE A 177 7.20 15.83 -13.15
CA PHE A 177 8.21 16.91 -13.40
C PHE A 177 9.70 16.48 -13.48
N ASP A 178 10.05 15.87 -14.62
CA ASP A 178 11.41 15.39 -14.96
C ASP A 178 12.07 16.31 -16.02
N PRO A 186 -0.94 13.64 -22.13
CA PRO A 186 -0.28 12.42 -22.62
C PRO A 186 -0.45 11.13 -21.75
N LYS A 187 -1.70 10.65 -21.68
CA LYS A 187 -2.12 9.28 -21.19
C LYS A 187 -2.02 8.99 -19.69
N HIS A 188 -0.90 8.44 -19.22
CA HIS A 188 -0.70 8.17 -17.81
C HIS A 188 -0.30 9.51 -17.15
N ILE A 189 -0.70 9.73 -15.89
CA ILE A 189 -0.39 10.97 -15.19
C ILE A 189 0.42 10.53 -13.98
N GLY A 190 1.72 10.38 -14.24
CA GLY A 190 2.64 9.79 -13.30
C GLY A 190 2.21 8.38 -13.01
N SER A 191 1.99 8.06 -11.75
CA SER A 191 1.53 6.73 -11.36
C SER A 191 0.02 6.45 -11.50
N ILE A 192 -0.80 7.43 -11.93
CA ILE A 192 -2.23 7.17 -12.21
C ILE A 192 -2.52 6.86 -13.69
N ASP A 193 -3.31 5.81 -13.94
CA ASP A 193 -3.82 5.50 -15.29
C ASP A 193 -5.28 5.91 -15.34
N PRO A 194 -5.60 6.95 -16.10
CA PRO A 194 -6.99 7.30 -16.04
C PRO A 194 -7.86 6.34 -16.83
N ASN A 195 -7.25 5.36 -17.53
CA ASN A 195 -7.99 4.32 -18.26
C ASN A 195 -7.47 2.93 -18.01
N CYS A 196 -7.34 2.59 -16.74
CA CYS A 196 -6.79 1.31 -16.34
C CYS A 196 -7.76 0.20 -16.73
N ASN A 197 -7.30 -0.75 -17.55
CA ASN A 197 -8.08 -1.94 -17.91
C ASN A 197 -7.82 -3.03 -16.88
N VAL A 198 -8.83 -3.31 -16.08
CA VAL A 198 -8.60 -4.12 -14.90
C VAL A 198 -8.22 -5.55 -15.23
N SER A 199 -8.88 -6.14 -16.23
CA SER A 199 -8.54 -7.49 -16.70
C SER A 199 -7.08 -7.62 -17.11
N GLU A 200 -6.60 -6.56 -17.74
CA GLU A 200 -5.23 -6.46 -18.22
C GLU A 200 -4.27 -6.62 -17.03
N VAL A 201 -4.48 -5.82 -15.97
CA VAL A 201 -3.66 -5.95 -14.76
C VAL A 201 -3.81 -7.32 -14.10
N VAL A 202 -5.01 -7.88 -14.18
CA VAL A 202 -5.24 -9.21 -13.65
C VAL A 202 -4.33 -10.22 -14.37
N LYS A 203 -4.44 -10.25 -15.70
CA LYS A 203 -3.68 -11.20 -16.51
C LYS A 203 -2.17 -11.03 -16.27
N ASP A 204 -1.67 -9.80 -16.26
CA ASP A 204 -0.25 -9.55 -16.05
C ASP A 204 0.25 -10.15 -14.74
N ALA A 205 -0.42 -9.77 -13.63
CA ALA A 205 -0.11 -10.30 -12.28
C ALA A 205 -0.15 -11.82 -12.25
N TYR A 206 -1.15 -12.40 -12.93
CA TYR A 206 -1.29 -13.85 -13.05
C TYR A 206 -0.13 -14.52 -13.76
N ASP A 207 0.23 -13.97 -14.92
CA ASP A 207 1.37 -14.43 -15.74
C ASP A 207 2.63 -14.53 -14.85
N MET A 208 2.86 -13.48 -14.08
CA MET A 208 4.05 -13.39 -13.23
C MET A 208 3.99 -14.38 -12.08
N ALA A 209 2.83 -14.53 -11.45
CA ALA A 209 2.72 -15.49 -10.36
C ALA A 209 2.88 -16.86 -10.93
N LYS A 210 2.30 -17.10 -12.11
CA LYS A 210 2.40 -18.41 -12.77
C LYS A 210 3.84 -18.80 -13.13
N LEU A 211 4.63 -17.81 -13.51
CA LEU A 211 6.03 -18.02 -13.75
C LEU A 211 6.74 -18.54 -12.50
N LEU A 212 6.56 -17.86 -11.38
CA LEU A 212 7.17 -18.33 -10.11
C LEU A 212 6.58 -19.67 -9.73
N CYS A 213 5.28 -19.84 -9.94
CA CYS A 213 4.63 -21.09 -9.54
C CYS A 213 5.26 -22.30 -10.26
N ASP A 214 5.43 -22.18 -11.59
CA ASP A 214 6.10 -23.20 -12.46
C ASP A 214 7.57 -23.51 -12.06
N LYS A 215 8.33 -22.48 -11.69
CA LYS A 215 9.70 -22.66 -11.22
C LYS A 215 9.70 -23.54 -9.96
N TYR A 216 8.99 -23.11 -8.91
CA TYR A 216 9.03 -23.82 -7.63
C TYR A 216 8.14 -25.09 -7.55
N TYR A 217 7.09 -25.20 -8.35
CA TYR A 217 6.21 -26.41 -8.30
C TYR A 217 6.08 -27.23 -9.57
N MET A 218 6.41 -26.67 -10.74
CA MET A 218 6.32 -27.39 -12.03
C MET A 218 4.89 -27.92 -12.29
N ALA A 219 3.92 -27.07 -11.90
CA ALA A 219 2.50 -27.23 -12.19
C ALA A 219 1.86 -25.89 -11.78
N SER A 220 0.71 -25.52 -12.32
CA SER A 220 0.11 -24.24 -11.97
C SER A 220 -1.34 -24.13 -12.44
N PRO A 221 -2.21 -23.54 -11.63
CA PRO A 221 -3.61 -23.49 -12.04
C PRO A 221 -3.80 -22.56 -13.23
N ASP A 222 -4.73 -22.91 -14.11
CA ASP A 222 -5.16 -21.97 -15.15
C ASP A 222 -5.88 -20.77 -14.54
N LEU A 223 -6.20 -19.80 -15.41
CA LEU A 223 -6.97 -18.63 -15.05
C LEU A 223 -8.23 -18.57 -15.90
N GLU A 224 -9.38 -18.35 -15.27
CA GLU A 224 -10.57 -17.88 -15.98
C GLU A 224 -10.87 -16.48 -15.47
N ILE A 225 -11.34 -15.58 -16.34
CA ILE A 225 -11.72 -14.22 -16.02
C ILE A 225 -13.06 -14.02 -16.66
N GLN A 226 -14.04 -13.58 -15.89
CA GLN A 226 -15.31 -13.11 -16.40
C GLN A 226 -15.50 -11.64 -15.92
N GLU A 227 -16.17 -10.82 -16.72
CA GLU A 227 -16.49 -9.47 -16.35
C GLU A 227 -17.99 -9.33 -16.17
N ILE A 228 -18.42 -8.37 -15.34
CA ILE A 228 -19.84 -8.03 -15.18
C ILE A 228 -20.00 -6.50 -15.10
N ASN A 229 -20.17 -5.85 -16.24
CA ASN A 229 -20.42 -4.44 -16.27
C ASN A 229 -21.91 -4.24 -16.13
N ALA A 230 -22.36 -4.06 -14.88
CA ALA A 230 -23.76 -3.78 -14.55
C ALA A 230 -24.47 -2.87 -15.55
N ALA A 231 -23.98 -1.63 -15.64
CA ALA A 231 -24.64 -0.59 -16.43
C ALA A 231 -24.49 -0.82 -17.92
N ASN A 232 -23.44 -1.53 -18.34
CA ASN A 232 -23.02 -1.60 -19.74
C ASN A 232 -22.61 -3.01 -20.22
N SER A 233 -23.58 -3.93 -20.18
CA SER A 233 -23.45 -5.34 -20.59
C SER A 233 -22.13 -5.74 -21.27
N LYS A 234 -21.77 -5.16 -22.41
CA LYS A 234 -20.60 -5.70 -23.10
C LYS A 234 -19.36 -4.76 -23.28
N GLN A 235 -19.24 -3.69 -22.48
CA GLN A 235 -18.07 -2.79 -22.58
C GLN A 235 -16.97 -3.28 -21.63
N PRO A 236 -15.71 -3.33 -22.12
CA PRO A 236 -14.63 -3.72 -21.19
C PRO A 236 -14.51 -2.73 -20.00
N ILE A 237 -14.21 -3.26 -18.82
CA ILE A 237 -14.23 -2.51 -17.56
C ILE A 237 -12.92 -1.75 -17.38
N HIS A 238 -13.02 -0.42 -17.35
CA HIS A 238 -11.90 0.54 -17.17
C HIS A 238 -12.17 1.35 -15.90
N MET A 239 -11.15 1.92 -15.28
CA MET A 239 -11.31 2.79 -14.10
C MET A 239 -10.14 3.76 -13.99
N VAL A 240 -10.21 4.68 -13.03
CA VAL A 240 -9.07 5.56 -12.71
C VAL A 240 -8.41 4.97 -11.44
N TYR A 241 -7.14 4.57 -11.54
CA TYR A 241 -6.45 3.97 -10.41
C TYR A 241 -4.95 4.10 -10.57
N VAL A 242 -4.23 3.66 -9.54
CA VAL A 242 -2.79 3.57 -9.52
C VAL A 242 -2.55 2.10 -9.81
N PRO A 243 -2.09 1.74 -11.05
CA PRO A 243 -2.00 0.31 -11.43
C PRO A 243 -1.05 -0.51 -10.65
N SER A 244 0.05 0.07 -10.21
CA SER A 244 1.03 -0.70 -9.44
C SER A 244 0.50 -1.12 -8.07
N HIS A 245 -0.31 -0.27 -7.45
CA HIS A 245 -1.03 -0.71 -6.24
C HIS A 245 -1.92 -1.93 -6.56
N LEU A 246 -2.55 -1.91 -7.73
CA LEU A 246 -3.46 -2.98 -8.13
C LEU A 246 -2.71 -4.24 -8.50
N TYR A 247 -1.59 -4.08 -9.20
CA TYR A 247 -0.70 -5.20 -9.48
C TYR A 247 -0.23 -5.81 -8.17
N HIS A 248 0.39 -5.00 -7.31
CA HIS A 248 0.80 -5.42 -5.95
C HIS A 248 -0.21 -6.38 -5.29
N MET A 249 -1.46 -5.98 -5.29
CA MET A 249 -2.46 -6.71 -4.53
C MET A 249 -2.79 -8.00 -5.25
N LEU A 250 -3.07 -7.90 -6.55
CA LEU A 250 -3.43 -9.07 -7.36
C LEU A 250 -2.34 -10.14 -7.31
N PHE A 251 -1.11 -9.70 -7.53
CA PHE A 251 0.05 -10.55 -7.39
C PHE A 251 0.09 -11.33 -6.08
N GLU A 252 0.01 -10.65 -4.94
CA GLU A 252 -0.04 -11.35 -3.62
C GLU A 252 -1.15 -12.39 -3.59
N LEU A 253 -2.32 -11.96 -4.07
CA LEU A 253 -3.46 -12.83 -4.02
C LEU A 253 -3.25 -14.05 -4.88
N PHE A 254 -2.69 -13.87 -6.06
CA PHE A 254 -2.41 -14.99 -6.94
C PHE A 254 -1.37 -15.96 -6.37
N LYS A 255 -0.39 -15.44 -5.65
CA LYS A 255 0.57 -16.32 -5.03
C LYS A 255 -0.11 -17.21 -4.02
N ASN A 256 -0.99 -16.62 -3.22
CA ASN A 256 -1.62 -17.37 -2.15
C ASN A 256 -2.55 -18.43 -2.73
N ALA A 257 -3.40 -18.00 -3.65
CA ALA A 257 -4.29 -18.95 -4.34
C ALA A 257 -3.55 -20.09 -5.06
N MET A 258 -2.44 -19.78 -5.73
CA MET A 258 -1.61 -20.83 -6.37
C MET A 258 -1.04 -21.82 -5.36
N ARG A 259 -0.28 -21.33 -4.37
CA ARG A 259 0.22 -22.16 -3.24
C ARG A 259 -0.84 -23.15 -2.80
N ALA A 260 -1.99 -22.66 -2.32
CA ALA A 260 -2.97 -23.55 -1.72
C ALA A 260 -3.49 -24.56 -2.73
N THR A 261 -3.83 -24.10 -3.94
CA THR A 261 -4.36 -24.97 -4.98
C THR A 261 -3.38 -26.13 -5.29
N VAL A 262 -2.16 -25.76 -5.59
CA VAL A 262 -1.13 -26.72 -5.93
C VAL A 262 -0.97 -27.68 -4.78
N GLU A 263 -0.73 -27.18 -3.58
CA GLU A 263 -0.36 -28.05 -2.47
C GLU A 263 -1.52 -28.93 -1.99
N SER A 264 -2.77 -28.45 -2.12
CA SER A 264 -3.91 -29.24 -1.70
C SER A 264 -4.19 -30.38 -2.69
N HIS A 265 -3.57 -30.34 -3.86
CA HIS A 265 -3.86 -31.30 -4.91
C HIS A 265 -2.62 -32.10 -5.36
N GLU A 266 -1.61 -32.24 -4.49
CA GLU A 266 -0.40 -32.98 -4.88
C GLU A 266 -0.65 -34.47 -5.20
N SER A 267 -1.30 -35.17 -4.27
CA SER A 267 -1.75 -36.56 -4.50
C SER A 267 -2.82 -36.72 -5.58
N SER A 268 -3.40 -35.63 -6.08
CA SER A 268 -4.55 -35.69 -6.99
C SER A 268 -4.16 -35.26 -8.41
N LEU A 269 -5.01 -35.58 -9.39
CA LEU A 269 -4.71 -35.23 -10.78
C LEU A 269 -5.27 -33.86 -11.04
N ILE A 270 -6.46 -33.75 -11.61
CA ILE A 270 -7.12 -32.44 -11.70
C ILE A 270 -6.50 -31.36 -10.78
N LEU A 271 -6.51 -30.13 -11.27
CA LEU A 271 -5.80 -28.98 -10.67
C LEU A 271 -6.65 -27.77 -11.06
N PRO A 272 -7.53 -27.32 -10.13
CA PRO A 272 -8.60 -26.42 -10.53
C PRO A 272 -8.10 -25.06 -10.90
N PRO A 273 -8.76 -24.41 -11.86
CA PRO A 273 -8.39 -23.05 -12.25
C PRO A 273 -8.60 -22.03 -11.11
N ILE A 274 -7.86 -20.93 -11.18
CA ILE A 274 -8.20 -19.79 -10.33
C ILE A 274 -9.18 -18.94 -11.10
N LYS A 275 -10.37 -18.75 -10.55
CA LYS A 275 -11.45 -17.99 -11.22
C LYS A 275 -11.55 -16.58 -10.66
N VAL A 276 -11.31 -15.59 -11.49
CA VAL A 276 -11.44 -14.19 -11.09
C VAL A 276 -12.65 -13.61 -11.70
N MET A 277 -13.44 -12.87 -10.93
CA MET A 277 -14.49 -12.01 -11.52
C MET A 277 -14.25 -10.52 -11.25
N VAL A 278 -14.48 -9.68 -12.26
CA VAL A 278 -14.37 -8.25 -12.12
C VAL A 278 -15.77 -7.67 -12.33
N ALA A 279 -16.41 -7.19 -11.24
CA ALA A 279 -17.76 -6.60 -11.28
C ALA A 279 -17.66 -5.12 -11.13
N LEU A 280 -18.44 -4.40 -11.93
CA LEU A 280 -18.48 -2.94 -11.93
C LEU A 280 -19.88 -2.38 -11.60
N GLY A 281 -20.02 -1.76 -10.44
CA GLY A 281 -21.31 -1.27 -9.94
C GLY A 281 -21.38 0.25 -9.93
N GLU A 282 -22.46 0.80 -9.35
CA GLU A 282 -22.68 2.26 -9.27
C GLU A 282 -21.59 2.89 -8.44
N GLU A 283 -21.10 2.19 -7.43
CA GLU A 283 -20.06 2.75 -6.61
C GLU A 283 -18.83 1.86 -6.34
N ASP A 284 -19.03 0.55 -6.26
CA ASP A 284 -17.89 -0.35 -6.15
C ASP A 284 -17.36 -0.87 -7.50
N LEU A 285 -16.04 -0.92 -7.66
CA LEU A 285 -15.45 -1.90 -8.54
C LEU A 285 -14.90 -3.04 -7.69
N SER A 286 -15.34 -4.26 -7.90
CA SER A 286 -14.92 -5.35 -7.04
C SER A 286 -14.26 -6.44 -7.87
N ILE A 287 -13.27 -7.10 -7.29
CA ILE A 287 -12.51 -8.12 -7.94
C ILE A 287 -12.46 -9.29 -6.97
N LYS A 288 -13.14 -10.38 -7.31
CA LYS A 288 -13.05 -11.62 -6.56
C LYS A 288 -12.07 -12.57 -7.23
N MET A 289 -11.33 -13.32 -6.42
CA MET A 289 -10.40 -14.32 -6.88
C MET A 289 -10.70 -15.59 -6.09
N SER A 290 -11.45 -16.50 -6.71
CA SER A 290 -11.83 -17.77 -6.10
C SER A 290 -10.86 -18.87 -6.45
N ASP A 291 -10.48 -19.70 -5.47
CA ASP A 291 -9.63 -20.89 -5.69
C ASP A 291 -10.21 -22.08 -4.98
N ARG A 292 -9.66 -23.26 -5.25
CA ARG A 292 -10.09 -24.52 -4.61
C ARG A 292 -8.88 -25.14 -3.93
N GLY A 293 -8.18 -24.38 -3.10
CA GLY A 293 -6.97 -24.85 -2.41
C GLY A 293 -7.28 -25.44 -1.06
N GLY A 294 -8.56 -25.63 -0.76
CA GLY A 294 -8.99 -26.36 0.44
C GLY A 294 -9.16 -25.57 1.73
N GLY A 295 -8.82 -24.30 1.71
CA GLY A 295 -9.37 -23.35 2.64
C GLY A 295 -8.56 -23.12 3.90
N VAL A 296 -9.13 -22.26 4.77
CA VAL A 296 -8.65 -21.90 6.10
C VAL A 296 -9.86 -21.89 7.04
N PRO A 297 -9.70 -22.36 8.30
CA PRO A 297 -10.86 -22.25 9.20
C PRO A 297 -11.09 -20.82 9.71
N LEU A 298 -12.35 -20.47 9.89
CA LEU A 298 -12.72 -19.14 10.37
C LEU A 298 -11.79 -18.55 11.43
N ARG A 299 -11.35 -19.38 12.35
CA ARG A 299 -10.56 -18.94 13.48
C ARG A 299 -9.18 -18.46 13.13
N LYS A 300 -8.58 -19.04 12.08
CA LYS A 300 -7.21 -18.71 11.68
C LYS A 300 -7.17 -17.56 10.69
N ILE A 301 -8.32 -17.03 10.24
CA ILE A 301 -8.28 -15.99 9.19
C ILE A 301 -7.72 -14.67 9.69
N GLU A 302 -8.07 -14.22 10.89
CA GLU A 302 -7.48 -12.94 11.38
C GLU A 302 -5.95 -12.91 11.33
N ARG A 303 -5.29 -14.01 11.66
CA ARG A 303 -3.83 -13.97 11.78
C ARG A 303 -3.16 -13.63 10.46
N LEU A 304 -3.70 -14.15 9.38
CA LEU A 304 -3.13 -13.88 8.09
C LEU A 304 -2.89 -12.40 7.89
N PHE A 305 -3.72 -11.57 8.53
CA PHE A 305 -3.58 -10.10 8.43
C PHE A 305 -2.74 -9.47 9.53
N SER A 306 -2.30 -10.25 10.49
CA SER A 306 -1.53 -9.75 11.63
C SER A 306 -0.03 -9.67 11.35
N TYR A 307 0.56 -8.54 11.69
CA TYR A 307 1.96 -8.33 11.43
C TYR A 307 2.76 -9.23 12.35
N MET A 308 2.40 -9.22 13.62
CA MET A 308 3.13 -10.00 14.61
C MET A 308 2.99 -11.51 14.35
N TYR A 309 1.75 -12.03 14.29
CA TYR A 309 1.49 -13.50 14.17
C TYR A 309 1.95 -14.11 12.83
N SER A 310 2.50 -13.26 11.94
CA SER A 310 3.07 -13.67 10.66
C SER A 310 4.50 -13.09 10.40
N THR A 311 5.21 -12.68 11.47
CA THR A 311 6.66 -12.35 11.41
C THR A 311 7.41 -13.42 12.22
N ALA A 312 8.52 -13.88 11.66
CA ALA A 312 9.26 -15.06 12.12
C ALA A 312 10.76 -14.87 11.83
N PRO A 313 11.65 -15.52 12.64
CA PRO A 313 13.09 -15.18 12.69
C PRO A 313 13.87 -15.27 11.37
N TYR A 329 4.05 -7.60 -0.87
CA TYR A 329 4.51 -7.16 0.44
C TYR A 329 3.89 -7.94 1.64
N GLY A 330 2.86 -8.74 1.37
CA GLY A 330 2.09 -9.40 2.41
C GLY A 330 0.65 -8.98 2.19
N LEU A 331 -0.24 -9.79 2.76
CA LEU A 331 -1.65 -9.47 2.86
C LEU A 331 -1.92 -8.13 3.56
N PRO A 332 -1.36 -7.94 4.79
CA PRO A 332 -1.65 -6.72 5.56
C PRO A 332 -1.36 -5.53 4.72
N ILE A 333 -0.16 -5.48 4.15
CA ILE A 333 0.19 -4.36 3.30
C ILE A 333 -0.68 -4.21 2.03
N SER A 334 -1.09 -5.32 1.41
CA SER A 334 -1.99 -5.23 0.27
C SER A 334 -3.30 -4.59 0.73
N ARG A 335 -3.81 -5.04 1.87
CA ARG A 335 -5.02 -4.43 2.40
C ARG A 335 -4.95 -2.91 2.61
N LEU A 336 -3.84 -2.47 3.20
CA LEU A 336 -3.57 -1.05 3.33
C LEU A 336 -3.73 -0.35 1.98
N TYR A 337 -3.13 -0.91 0.92
CA TYR A 337 -3.21 -0.27 -0.42
C TYR A 337 -4.66 -0.09 -0.90
N ALA A 338 -5.49 -1.06 -0.57
CA ALA A 338 -6.89 -0.99 -0.89
C ALA A 338 -7.55 0.06 -0.02
N LYS A 339 -7.35 -0.03 1.30
CA LYS A 339 -7.89 0.96 2.23
C LYS A 339 -7.49 2.40 1.86
N TYR A 340 -6.26 2.55 1.35
CA TYR A 340 -5.67 3.85 1.06
C TYR A 340 -6.53 4.81 0.27
N PHE A 341 -7.28 4.35 -0.73
CA PHE A 341 -8.25 5.22 -1.42
C PHE A 341 -9.69 4.70 -1.16
N GLN A 342 -10.01 4.55 0.12
CA GLN A 342 -11.37 4.16 0.58
C GLN A 342 -11.82 2.81 0.10
N GLY A 343 -10.91 1.89 -0.16
CA GLY A 343 -11.28 0.54 -0.55
C GLY A 343 -11.14 -0.39 0.62
N ASP A 344 -11.19 -1.69 0.37
CA ASP A 344 -10.84 -2.71 1.38
C ASP A 344 -10.30 -3.97 0.63
N LEU A 345 -9.88 -4.99 1.36
CA LEU A 345 -9.49 -6.27 0.80
C LEU A 345 -9.83 -7.33 1.84
N GLN A 346 -10.76 -8.21 1.52
CA GLN A 346 -11.42 -9.08 2.49
C GLN A 346 -11.24 -10.55 2.13
N LEU A 347 -11.09 -11.43 3.13
CA LEU A 347 -10.99 -12.88 2.88
C LEU A 347 -12.14 -13.62 3.51
N PHE A 348 -12.73 -14.53 2.76
CA PHE A 348 -13.55 -15.57 3.40
C PHE A 348 -13.32 -16.89 2.74
N SER A 349 -13.21 -17.92 3.56
CA SER A 349 -12.82 -19.25 3.16
C SER A 349 -13.98 -20.20 3.50
N MET A 350 -13.91 -21.40 2.93
CA MET A 350 -14.83 -22.53 3.20
C MET A 350 -13.90 -23.70 3.44
N GLU A 351 -13.69 -24.09 4.68
CA GLU A 351 -12.59 -25.02 4.97
C GLU A 351 -12.99 -26.33 4.34
N GLY A 352 -12.03 -26.93 3.62
CA GLY A 352 -12.22 -28.17 2.86
C GLY A 352 -12.57 -27.97 1.39
N PHE A 353 -12.47 -26.75 0.89
CA PHE A 353 -12.84 -26.45 -0.48
C PHE A 353 -11.92 -25.34 -1.01
N GLY A 354 -12.10 -24.11 -0.58
CA GLY A 354 -11.12 -23.06 -0.96
C GLY A 354 -11.39 -21.68 -0.37
N THR A 355 -10.73 -20.69 -0.91
CA THR A 355 -10.77 -19.34 -0.40
C THR A 355 -11.10 -18.33 -1.53
N ASP A 356 -11.95 -17.38 -1.16
CA ASP A 356 -12.26 -16.23 -1.98
C ASP A 356 -11.59 -15.05 -1.35
N ALA A 357 -11.12 -14.17 -2.22
CA ALA A 357 -10.49 -12.94 -1.83
C ALA A 357 -11.01 -11.79 -2.67
N VAL A 358 -11.64 -10.81 -2.05
CA VAL A 358 -12.19 -9.71 -2.80
C VAL A 358 -11.34 -8.48 -2.57
N ILE A 359 -11.10 -7.73 -3.62
CA ILE A 359 -10.52 -6.38 -3.56
C ILE A 359 -11.68 -5.44 -3.83
N TYR A 360 -11.98 -4.53 -2.90
CA TYR A 360 -13.07 -3.57 -3.05
C TYR A 360 -12.47 -2.21 -3.37
N LEU A 361 -12.92 -1.59 -4.44
CA LEU A 361 -12.41 -0.30 -4.86
C LEU A 361 -13.54 0.66 -5.16
N LYS A 362 -13.27 1.96 -5.04
CA LYS A 362 -14.27 2.92 -5.40
C LYS A 362 -14.24 3.04 -6.91
N ALA A 363 -15.40 2.95 -7.56
CA ALA A 363 -15.48 3.09 -9.01
C ALA A 363 -15.28 4.51 -9.50
N LEU A 364 -15.82 5.49 -8.80
CA LEU A 364 -15.83 6.88 -9.28
C LEU A 364 -14.59 7.59 -8.68
N SER A 365 -13.88 8.34 -9.52
CA SER A 365 -12.71 9.13 -9.11
C SER A 365 -13.00 10.08 -7.94
N THR A 366 -14.17 10.68 -7.95
CA THR A 366 -14.59 11.53 -6.84
C THR A 366 -14.60 10.81 -5.45
N ASP A 367 -14.92 9.51 -5.39
CA ASP A 367 -14.93 8.79 -4.11
C ASP A 367 -13.53 8.28 -3.68
N SER A 368 -12.53 8.46 -4.53
CA SER A 368 -11.22 7.87 -4.28
C SER A 368 -10.36 8.92 -3.63
N VAL A 369 -10.41 8.99 -2.30
CA VAL A 369 -9.79 10.05 -1.53
C VAL A 369 -8.93 9.39 -0.48
N GLU A 370 -7.71 9.88 -0.35
CA GLU A 370 -6.72 9.28 0.56
C GLU A 370 -7.27 9.03 1.94
N ARG A 371 -7.01 7.85 2.51
CA ARG A 371 -7.34 7.60 3.89
C ARG A 371 -5.98 7.78 4.59
N LEU A 372 -5.89 8.85 5.38
CA LEU A 372 -4.69 9.23 6.12
C LEU A 372 -4.95 9.27 7.64
N PRO A 373 -4.04 8.66 8.46
CA PRO A 373 -4.12 8.81 9.91
C PRO A 373 -3.70 10.23 10.40
N VAL A 374 -4.18 10.65 11.56
CA VAL A 374 -3.74 11.95 12.12
C VAL A 374 -3.54 11.79 13.61
N TYR A 375 -2.47 12.44 14.09
CA TYR A 375 -2.07 12.45 15.50
C TYR A 375 -3.18 12.80 16.51
#